data_9IRA
#
_entry.id   9IRA
#
_cell.length_a   55.430
_cell.length_b   95.080
_cell.length_c   71.500
_cell.angle_alpha   90.00
_cell.angle_beta   112.77
_cell.angle_gamma   90.00
#
_symmetry.space_group_name_H-M   'P 1 21 1'
#
loop_
_entity.id
_entity.type
_entity.pdbx_description
1 polymer '3C-like proteinase'
2 non-polymer (2~{S})-~{N}-[(2~{S})-1-azanylidene-3-[(3~{S})-2-oxidanylidenepyrrolidin-3-yl]propan-2-yl]-2-[[(2~{S})-3,3-dimethyl-2-(methylsulfonylamino)butanoyl]amino]-4-methyl-pentanamide
3 water water
#
_entity_poly.entity_id   1
_entity_poly.type   'polypeptide(L)'
_entity_poly.pdbx_seq_one_letter_code
;SGFKKLVSPSSAVEKCIVSVSYRGNNLNGLWLGDTIYCPRHVLGKFSGDQWNDVLNLANNHEFEVTTQHGVTLNVVSRRL
KGAVLILQTAVANAETPKYKFIKANCGDSFTIACAYGGTVVGLYPVTMRSNGTIRASFLAGACGSVGFNIEKGVVNFFYM
HHLELPNALHTGTDLMGEFYGGYVDEEVAQRVPPDNLVTNNIVAWLYAAIISVKESSFSLPKWLESTTVSVDDYNKWAGD
NGFTPFSTSTAITKLSAITGVDVCKLLRTIMVKNSQWGGDPILGQYNFEDELTPESVFNQIGGVRLQ
;
_entity_poly.pdbx_strand_id   A,B
#
# COMPACT_ATOMS: atom_id res chain seq x y z
N SER A 1 15.68 2.84 -8.12
CA SER A 1 14.72 3.57 -8.94
C SER A 1 13.31 3.01 -8.78
N GLY A 2 12.32 3.75 -9.29
CA GLY A 2 10.92 3.39 -9.14
C GLY A 2 10.24 4.15 -8.03
N PHE A 3 8.99 4.54 -8.23
CA PHE A 3 8.26 5.32 -7.24
C PHE A 3 7.01 4.56 -6.85
N LYS A 4 6.82 4.40 -5.55
CA LYS A 4 5.66 3.73 -4.98
C LYS A 4 5.12 4.57 -3.83
N LYS A 5 3.87 4.33 -3.48
CA LYS A 5 3.30 4.94 -2.30
C LYS A 5 3.53 3.99 -1.15
N LEU A 6 4.45 4.36 -0.27
CA LEU A 6 4.94 3.45 0.75
C LEU A 6 4.01 3.42 1.95
N VAL A 7 3.88 2.25 2.54
CA VAL A 7 3.17 2.02 3.78
C VAL A 7 4.19 1.80 4.89
N SER A 8 3.89 2.28 6.10
CA SER A 8 4.78 2.00 7.21
C SER A 8 4.65 0.54 7.64
N PRO A 9 5.73 -0.09 8.12
CA PRO A 9 5.62 -1.46 8.64
C PRO A 9 4.74 -1.46 9.88
N SER A 10 4.06 -2.57 10.11
CA SER A 10 2.90 -2.58 11.01
C SER A 10 3.13 -3.25 12.37
N SER A 11 4.31 -3.84 12.64
CA SER A 11 4.43 -4.68 13.83
C SER A 11 4.16 -3.90 15.11
N ALA A 12 4.61 -2.65 15.18
CA ALA A 12 4.42 -1.87 16.39
C ALA A 12 2.95 -1.49 16.60
N VAL A 13 2.19 -1.34 15.52
CA VAL A 13 0.78 -0.99 15.68
C VAL A 13 -0.05 -2.24 15.93
N GLU A 14 0.32 -3.36 15.30
CA GLU A 14 -0.40 -4.60 15.58
C GLU A 14 -0.39 -4.93 17.07
N LYS A 15 0.69 -4.56 17.77
CA LYS A 15 0.79 -4.88 19.18
C LYS A 15 -0.09 -4.00 20.05
N CYS A 16 -0.80 -3.04 19.45
CA CYS A 16 -1.64 -2.11 20.20
C CYS A 16 -3.10 -2.19 19.80
N ILE A 17 -3.45 -2.95 18.78
CA ILE A 17 -4.82 -3.02 18.31
C ILE A 17 -5.54 -4.15 19.02
N VAL A 18 -6.62 -3.81 19.70
CA VAL A 18 -7.43 -4.78 20.44
C VAL A 18 -8.86 -4.70 19.92
N SER A 19 -9.64 -5.73 20.22
CA SER A 19 -11.06 -5.70 19.90
C SER A 19 -11.83 -5.11 21.08
N VAL A 20 -12.85 -4.32 20.77
CA VAL A 20 -13.72 -3.73 21.79
C VAL A 20 -15.16 -3.99 21.39
N SER A 21 -15.92 -4.67 22.24
CA SER A 21 -17.31 -4.96 21.97
C SER A 21 -18.17 -4.49 23.14
N TYR A 22 -19.36 -4.00 22.83
CA TYR A 22 -20.32 -3.61 23.86
C TYR A 22 -21.72 -3.94 23.36
N ARG A 23 -22.38 -4.87 24.05
CA ARG A 23 -23.77 -5.26 23.77
C ARG A 23 -24.01 -5.48 22.28
N GLY A 24 -23.11 -6.23 21.66
CA GLY A 24 -23.25 -6.62 20.28
C GLY A 24 -22.61 -5.69 19.27
N ASN A 25 -22.13 -4.51 19.71
CA ASN A 25 -21.44 -3.56 18.86
C ASN A 25 -19.96 -3.93 18.84
N ASN A 26 -19.45 -4.29 17.68
CA ASN A 26 -18.08 -4.80 17.55
C ASN A 26 -17.25 -3.77 16.80
N LEU A 27 -16.19 -3.27 17.43
CA LEU A 27 -15.22 -2.39 16.76
C LEU A 27 -13.83 -2.70 17.29
N ASN A 28 -12.88 -1.78 17.04
CA ASN A 28 -11.48 -1.92 17.40
C ASN A 28 -11.05 -0.78 18.31
N GLY A 29 -10.03 -1.04 19.12
CA GLY A 29 -9.45 -0.02 19.96
C GLY A 29 -7.93 0.01 19.85
N LEU A 30 -7.36 1.12 20.30
CA LEU A 30 -5.92 1.32 20.37
C LEU A 30 -5.47 1.33 21.82
N TRP A 31 -4.67 0.34 22.20
CA TRP A 31 -4.25 0.13 23.59
C TRP A 31 -2.84 0.67 23.78
N LEU A 32 -2.71 1.79 24.48
CA LEU A 32 -1.41 2.39 24.79
C LEU A 32 -1.32 2.63 26.29
N GLY A 33 -0.31 2.04 26.93
CA GLY A 33 -0.23 2.13 28.38
C GLY A 33 -1.40 1.38 28.98
N ASP A 34 -2.09 2.01 29.94
CA ASP A 34 -3.31 1.42 30.50
C ASP A 34 -4.56 2.07 29.94
N THR A 35 -4.49 2.57 28.70
CA THR A 35 -5.57 3.33 28.10
C THR A 35 -5.95 2.74 26.74
N ILE A 36 -7.24 2.52 26.54
CA ILE A 36 -7.77 2.09 25.25
C ILE A 36 -8.52 3.26 24.63
N TYR A 37 -8.20 3.58 23.39
CA TYR A 37 -8.95 4.58 22.63
C TYR A 37 -9.84 3.87 21.61
N CYS A 38 -11.12 4.21 21.59
CA CYS A 38 -12.01 3.64 20.59
C CYS A 38 -13.13 4.64 20.32
N PRO A 39 -13.86 4.48 19.22
CA PRO A 39 -14.97 5.40 18.93
C PRO A 39 -16.10 5.27 19.96
N ARG A 40 -16.63 6.41 20.39
CA ARG A 40 -17.69 6.36 21.39
C ARG A 40 -18.96 5.68 20.87
N HIS A 41 -19.15 5.62 19.55
CA HIS A 41 -20.38 4.98 19.13
C HIS A 41 -20.36 3.45 19.31
N VAL A 42 -19.32 2.87 19.93
CA VAL A 42 -19.40 1.49 20.39
C VAL A 42 -20.52 1.34 21.41
N LEU A 43 -20.89 2.44 22.07
CA LEU A 43 -22.02 2.46 23.01
C LEU A 43 -23.37 2.48 22.32
N GLY A 44 -23.44 2.94 21.08
CA GLY A 44 -24.70 3.07 20.38
C GLY A 44 -24.76 4.37 19.60
N LYS A 45 -25.87 4.62 18.91
CA LYS A 45 -25.97 5.77 18.00
C LYS A 45 -26.71 6.90 18.70
N PHE A 46 -25.96 7.68 19.48
CA PHE A 46 -26.51 8.81 20.19
C PHE A 46 -26.03 10.11 19.52
N SER A 47 -26.45 11.24 20.09
CA SER A 47 -26.16 12.52 19.45
C SER A 47 -26.12 13.62 20.49
N GLY A 48 -25.43 14.70 20.14
CA GLY A 48 -25.41 15.87 21.00
C GLY A 48 -24.94 15.55 22.40
N ASP A 49 -25.75 15.92 23.38
CA ASP A 49 -25.41 15.79 24.79
C ASP A 49 -25.90 14.48 25.41
N GLN A 50 -26.58 13.62 24.63
CA GLN A 50 -26.93 12.30 25.15
C GLN A 50 -25.69 11.49 25.53
N TRP A 51 -24.53 11.85 25.00
CA TRP A 51 -23.33 11.03 25.17
C TRP A 51 -22.87 11.00 26.63
N ASN A 52 -22.85 12.16 27.29
CA ASN A 52 -22.31 12.19 28.65
C ASN A 52 -23.17 11.39 29.63
N ASP A 53 -24.49 11.33 29.40
CA ASP A 53 -25.36 10.54 30.27
C ASP A 53 -25.36 9.06 29.88
N VAL A 54 -25.12 8.75 28.59
CA VAL A 54 -24.90 7.37 28.19
C VAL A 54 -23.63 6.83 28.84
N LEU A 55 -22.63 7.69 29.01
CA LEU A 55 -21.35 7.29 29.59
C LEU A 55 -21.53 6.88 31.05
N ASN A 56 -22.16 7.75 31.86
CA ASN A 56 -22.31 7.46 33.28
C ASN A 56 -23.24 6.28 33.54
N LEU A 57 -24.09 5.93 32.57
CA LEU A 57 -24.97 4.79 32.69
C LEU A 57 -24.35 3.50 32.19
N ALA A 58 -23.22 3.57 31.49
CA ALA A 58 -22.58 2.39 30.94
C ALA A 58 -21.95 1.56 32.05
N ASN A 59 -21.70 0.28 31.74
CA ASN A 59 -21.18 -0.68 32.70
C ASN A 59 -19.82 -1.16 32.24
N ASN A 60 -18.78 -0.84 33.04
CA ASN A 60 -17.42 -1.26 32.70
C ASN A 60 -17.33 -2.76 32.45
N HIS A 61 -18.01 -3.56 33.27
CA HIS A 61 -17.90 -5.01 33.18
C HIS A 61 -18.48 -5.58 31.90
N GLU A 62 -19.16 -4.77 31.10
CA GLU A 62 -19.76 -5.21 29.85
C GLU A 62 -18.94 -4.81 28.62
N PHE A 63 -17.80 -4.13 28.80
CA PHE A 63 -16.84 -3.92 27.72
C PHE A 63 -16.06 -5.21 27.51
N GLU A 64 -16.29 -5.87 26.38
CA GLU A 64 -15.59 -7.10 26.04
C GLU A 64 -14.36 -6.74 25.23
N VAL A 65 -13.19 -6.81 25.84
CA VAL A 65 -11.95 -6.34 25.22
C VAL A 65 -10.97 -7.49 25.20
N THR A 66 -10.60 -7.93 24.00
CA THR A 66 -9.65 -9.03 23.86
C THR A 66 -8.45 -8.57 23.05
N THR A 67 -7.30 -9.16 23.34
CA THR A 67 -6.08 -8.88 22.61
C THR A 67 -5.83 -9.96 21.56
N GLN A 68 -4.88 -9.66 20.67
CA GLN A 68 -4.50 -10.61 19.63
C GLN A 68 -3.91 -11.89 20.21
N HIS A 69 -3.40 -11.85 21.44
CA HIS A 69 -2.98 -13.04 22.16
C HIS A 69 -4.14 -13.84 22.74
N GLY A 70 -5.37 -13.33 22.65
CA GLY A 70 -6.52 -13.98 23.26
C GLY A 70 -6.77 -13.60 24.70
N VAL A 71 -6.00 -12.66 25.26
CA VAL A 71 -6.14 -12.26 26.65
C VAL A 71 -7.31 -11.30 26.79
N THR A 72 -8.16 -11.55 27.79
CA THR A 72 -9.24 -10.62 28.09
C THR A 72 -8.70 -9.49 28.96
N LEU A 73 -9.02 -8.24 28.58
CA LEU A 73 -8.67 -7.10 29.40
C LEU A 73 -9.89 -6.64 30.19
N ASN A 74 -9.63 -6.02 31.34
CA ASN A 74 -10.68 -5.60 32.27
C ASN A 74 -10.69 -4.09 32.36
N VAL A 75 -11.79 -3.48 31.92
CA VAL A 75 -11.93 -2.03 32.00
C VAL A 75 -12.22 -1.64 33.44
N VAL A 76 -11.46 -0.67 33.95
CA VAL A 76 -11.66 -0.18 35.31
C VAL A 76 -12.25 1.22 35.35
N SER A 77 -12.21 1.97 34.26
CA SER A 77 -12.75 3.33 34.26
C SER A 77 -13.04 3.73 32.83
N ARG A 78 -13.84 4.79 32.68
CA ARG A 78 -14.24 5.23 31.35
C ARG A 78 -14.43 6.74 31.37
N ARG A 79 -14.18 7.35 30.21
CA ARG A 79 -14.46 8.78 30.03
C ARG A 79 -14.46 9.08 28.54
N LEU A 80 -15.03 10.23 28.19
CA LEU A 80 -15.10 10.70 26.82
C LEU A 80 -14.14 11.85 26.62
N LYS A 81 -13.51 11.90 25.45
CA LYS A 81 -12.77 13.08 25.01
C LYS A 81 -13.14 13.29 23.55
N GLY A 82 -13.95 14.32 23.29
CA GLY A 82 -14.51 14.47 21.95
C GLY A 82 -15.39 13.28 21.61
N ALA A 83 -15.18 12.70 20.44
CA ALA A 83 -15.93 11.54 19.98
C ALA A 83 -15.19 10.23 20.24
N VAL A 84 -14.13 10.27 21.03
CA VAL A 84 -13.36 9.08 21.39
C VAL A 84 -13.69 8.67 22.82
N LEU A 85 -13.97 7.39 22.98
CA LEU A 85 -14.15 6.78 24.30
C LEU A 85 -12.81 6.30 24.82
N ILE A 86 -12.49 6.67 26.05
CA ILE A 86 -11.21 6.36 26.66
C ILE A 86 -11.47 5.40 27.81
N LEU A 87 -10.96 4.18 27.68
CA LEU A 87 -11.17 3.12 28.67
C LEU A 87 -9.86 2.77 29.35
N GLN A 88 -9.83 2.87 30.67
CA GLN A 88 -8.66 2.49 31.44
C GLN A 88 -8.71 1.00 31.73
N THR A 89 -7.56 0.33 31.57
CA THR A 89 -7.44 -1.10 31.82
C THR A 89 -6.71 -1.35 33.13
N ALA A 90 -6.93 -2.54 33.69
CA ALA A 90 -6.33 -2.89 34.97
C ALA A 90 -4.82 -3.05 34.87
N VAL A 91 -4.31 -3.49 33.72
CA VAL A 91 -2.88 -3.68 33.52
C VAL A 91 -2.48 -2.93 32.24
N ALA A 92 -1.24 -2.44 32.23
CA ALA A 92 -0.72 -1.70 31.09
C ALA A 92 -0.22 -2.64 30.00
N ASN A 93 -0.31 -2.17 28.75
CA ASN A 93 0.28 -2.84 27.60
C ASN A 93 1.79 -2.70 27.66
N ALA A 94 2.48 -3.80 27.98
CA ALA A 94 3.93 -3.77 28.04
C ALA A 94 4.57 -3.61 26.66
N GLU A 95 3.81 -3.76 25.59
CA GLU A 95 4.31 -3.60 24.23
C GLU A 95 3.94 -2.23 23.64
N THR A 96 3.82 -1.22 24.48
CA THR A 96 3.51 0.13 24.01
C THR A 96 4.74 0.75 23.37
N PRO A 97 4.68 1.22 22.15
CA PRO A 97 5.86 1.84 21.52
C PRO A 97 5.95 3.30 21.92
N LYS A 98 7.06 3.92 21.52
CA LYS A 98 7.15 5.38 21.59
C LYS A 98 6.18 5.97 20.57
N TYR A 99 5.39 6.95 20.99
CA TYR A 99 4.35 7.46 20.10
C TYR A 99 4.09 8.94 20.36
N LYS A 100 3.39 9.55 19.41
CA LYS A 100 2.89 10.92 19.50
C LYS A 100 1.52 10.97 18.87
N PHE A 101 0.65 11.82 19.44
CA PHE A 101 -0.65 12.16 18.86
C PHE A 101 -0.49 13.46 18.08
N ILE A 102 -0.62 13.39 16.76
CA ILE A 102 -0.40 14.53 15.87
C ILE A 102 -1.58 14.65 14.93
N LYS A 103 -2.03 15.90 14.70
CA LYS A 103 -3.09 16.13 13.73
C LYS A 103 -2.51 16.21 12.32
N ALA A 104 -3.10 15.47 11.39
CA ALA A 104 -2.66 15.46 10.00
C ALA A 104 -3.18 16.69 9.26
N ASN A 105 -2.30 17.33 8.49
CA ASN A 105 -2.64 18.48 7.66
C ASN A 105 -3.09 18.01 6.28
N CYS A 106 -3.71 18.93 5.53
CA CYS A 106 -4.06 18.61 4.15
C CYS A 106 -2.82 18.24 3.35
N GLY A 107 -2.91 17.16 2.57
CA GLY A 107 -1.81 16.64 1.79
C GLY A 107 -0.91 15.66 2.51
N ASP A 108 -0.95 15.65 3.84
CA ASP A 108 -0.17 14.70 4.63
C ASP A 108 -0.64 13.29 4.35
N SER A 109 0.31 12.39 4.17
CA SER A 109 0.01 11.01 3.86
C SER A 109 0.45 10.12 5.02
N PHE A 110 -0.32 9.07 5.27
CA PHE A 110 -0.04 8.15 6.36
C PHE A 110 -0.65 6.79 6.03
N THR A 111 -0.40 5.82 6.90
CA THR A 111 -0.80 4.43 6.70
C THR A 111 -2.05 4.12 7.51
N ILE A 112 -3.03 3.48 6.89
CA ILE A 112 -4.19 2.95 7.60
C ILE A 112 -3.91 1.50 7.97
N ALA A 113 -4.03 1.17 9.26
CA ALA A 113 -4.05 -0.22 9.70
C ALA A 113 -5.51 -0.66 9.76
N CYS A 114 -5.98 -1.33 8.74
CA CYS A 114 -7.39 -1.67 8.66
C CYS A 114 -7.64 -2.89 9.52
N ALA A 115 -8.53 -2.77 10.51
CA ALA A 115 -8.69 -3.85 11.48
C ALA A 115 -10.15 -4.27 11.56
N TYR A 116 -10.36 -5.57 11.81
CA TYR A 116 -11.66 -6.14 12.18
C TYR A 116 -11.44 -7.13 13.31
N GLY A 117 -12.33 -7.09 14.32
CA GLY A 117 -12.21 -7.99 15.45
C GLY A 117 -10.93 -7.85 16.25
N GLY A 118 -10.26 -6.70 16.18
CA GLY A 118 -9.03 -6.48 16.91
C GLY A 118 -7.79 -6.98 16.19
N THR A 119 -7.91 -7.35 14.94
CA THR A 119 -6.80 -7.90 14.18
C THR A 119 -6.64 -7.07 12.92
N VAL A 120 -5.42 -6.58 12.69
CA VAL A 120 -5.13 -5.83 11.47
C VAL A 120 -5.12 -6.80 10.30
N VAL A 121 -5.99 -6.58 9.33
CA VAL A 121 -6.11 -7.48 8.18
C VAL A 121 -5.34 -6.98 6.97
N GLY A 122 -5.03 -5.70 6.89
CA GLY A 122 -4.31 -5.15 5.74
C GLY A 122 -4.01 -3.70 5.98
N LEU A 123 -3.11 -3.15 5.16
CA LEU A 123 -2.69 -1.77 5.29
C LEU A 123 -2.75 -1.10 3.93
N TYR A 124 -2.85 0.24 3.96
CA TYR A 124 -2.76 1.00 2.71
C TYR A 124 -2.49 2.45 3.06
N PRO A 125 -1.96 3.21 2.12
CA PRO A 125 -1.70 4.65 2.34
C PRO A 125 -2.91 5.47 1.95
N VAL A 126 -3.05 6.62 2.59
CA VAL A 126 -4.12 7.57 2.32
C VAL A 126 -3.51 8.96 2.48
N THR A 127 -4.24 9.95 2.00
CA THR A 127 -3.83 11.34 2.16
C THR A 127 -4.98 12.09 2.80
N MET A 128 -4.66 12.94 3.77
CA MET A 128 -5.68 13.80 4.36
C MET A 128 -6.10 14.83 3.32
N ARG A 129 -7.36 14.78 2.91
CA ARG A 129 -7.87 15.68 1.89
C ARG A 129 -8.22 17.03 2.51
N SER A 130 -8.33 18.02 1.64
CA SER A 130 -8.62 19.40 2.03
C SER A 130 -9.91 19.54 2.82
N ASN A 131 -10.86 18.62 2.67
CA ASN A 131 -12.16 18.70 3.33
C ASN A 131 -12.26 17.80 4.55
N GLY A 132 -11.14 17.30 5.05
CA GLY A 132 -11.17 16.49 6.26
C GLY A 132 -11.66 15.06 6.05
N THR A 133 -11.57 14.56 4.83
CA THR A 133 -11.86 13.15 4.57
C THR A 133 -10.59 12.46 4.09
N ILE A 134 -10.65 11.14 4.07
CA ILE A 134 -9.65 10.32 3.39
C ILE A 134 -10.40 9.41 2.44
N ARG A 135 -9.70 8.96 1.39
CA ARG A 135 -10.23 7.99 0.44
C ARG A 135 -9.65 6.64 0.84
N ALA A 136 -10.44 5.88 1.60
CA ALA A 136 -9.98 4.63 2.19
C ALA A 136 -10.80 3.43 1.72
N SER A 137 -10.72 2.33 2.48
CA SER A 137 -11.42 1.08 2.16
C SER A 137 -11.82 0.44 3.49
N PHE A 138 -13.11 0.55 3.83
CA PHE A 138 -13.60 0.16 5.14
C PHE A 138 -14.98 -0.48 5.02
N LEU A 139 -15.22 -1.53 5.79
CA LEU A 139 -16.51 -2.21 5.92
C LEU A 139 -17.00 -2.09 7.37
N ALA A 140 -18.20 -2.65 7.62
CA ALA A 140 -18.72 -2.74 8.97
C ALA A 140 -17.69 -3.33 9.93
N GLY A 141 -17.58 -2.75 11.11
CA GLY A 141 -16.64 -3.27 12.08
C GLY A 141 -15.25 -2.69 11.99
N ALA A 142 -14.96 -1.87 10.98
CA ALA A 142 -13.61 -1.32 10.86
C ALA A 142 -13.35 -0.14 11.79
N CYS A 143 -14.37 0.44 12.41
CA CYS A 143 -14.13 1.62 13.21
C CYS A 143 -13.16 1.32 14.34
N GLY A 144 -12.35 2.32 14.66
CA GLY A 144 -11.24 2.14 15.56
C GLY A 144 -9.93 1.82 14.87
N SER A 145 -9.98 1.43 13.60
CA SER A 145 -8.78 1.36 12.78
C SER A 145 -8.06 2.69 12.80
N VAL A 146 -6.72 2.66 12.79
CA VAL A 146 -5.95 3.87 13.03
C VAL A 146 -5.08 4.22 11.83
N GLY A 147 -4.77 5.51 11.71
CA GLY A 147 -3.83 6.01 10.72
C GLY A 147 -2.57 6.47 11.43
N PHE A 148 -1.42 6.10 10.86
CA PHE A 148 -0.16 6.30 11.54
C PHE A 148 0.97 6.35 10.53
N ASN A 149 2.12 6.83 10.99
CA ASN A 149 3.38 6.53 10.31
C ASN A 149 4.45 6.34 11.37
N ILE A 150 5.67 6.11 10.94
CA ILE A 150 6.77 5.90 11.87
C ILE A 150 7.92 6.80 11.41
N GLU A 151 8.37 7.67 12.30
CA GLU A 151 9.39 8.65 12.00
C GLU A 151 10.42 8.61 13.12
N LYS A 152 11.65 8.22 12.77
CA LYS A 152 12.76 8.16 13.72
C LYS A 152 12.40 7.32 14.94
N GLY A 153 11.83 6.15 14.68
CA GLY A 153 11.47 5.21 15.73
C GLY A 153 10.29 5.60 16.59
N VAL A 154 9.51 6.61 16.19
CA VAL A 154 8.32 7.03 16.91
C VAL A 154 7.10 6.79 16.04
N VAL A 155 6.05 6.22 16.63
CA VAL A 155 4.79 6.04 15.94
C VAL A 155 3.97 7.31 16.08
N ASN A 156 3.72 8.00 14.97
CA ASN A 156 2.79 9.13 14.96
C ASN A 156 1.39 8.61 14.68
N PHE A 157 0.45 8.87 15.58
CA PHE A 157 -0.95 8.49 15.37
C PHE A 157 -1.72 9.72 14.93
N PHE A 158 -2.33 9.64 13.75
CA PHE A 158 -3.04 10.76 13.14
C PHE A 158 -4.55 10.61 13.18
N TYR A 159 -5.05 9.39 13.21
CA TYR A 159 -6.41 9.18 12.76
C TYR A 159 -6.98 7.95 13.46
N MET A 160 -8.24 8.05 13.85
CA MET A 160 -9.02 6.86 14.18
C MET A 160 -10.32 6.92 13.39
N HIS A 161 -10.70 5.80 12.79
CA HIS A 161 -11.79 5.76 11.83
C HIS A 161 -13.15 5.64 12.51
N HIS A 162 -14.09 6.48 12.07
CA HIS A 162 -15.42 6.54 12.65
C HIS A 162 -16.55 6.30 11.66
N LEU A 163 -16.47 6.82 10.43
CA LEU A 163 -17.68 6.78 9.62
C LEU A 163 -17.37 6.93 8.14
N GLU A 164 -18.39 6.61 7.34
CA GLU A 164 -18.28 6.65 5.89
C GLU A 164 -19.38 7.55 5.34
N LEU A 165 -18.97 8.59 4.64
CA LEU A 165 -19.86 9.53 3.97
C LEU A 165 -20.11 9.06 2.54
N PRO A 166 -21.14 9.57 1.87
CA PRO A 166 -21.41 9.14 0.50
C PRO A 166 -20.22 9.31 -0.41
N ASN A 167 -20.25 8.60 -1.54
CA ASN A 167 -19.21 8.62 -2.56
C ASN A 167 -17.88 8.07 -2.04
N ALA A 168 -17.96 7.07 -1.16
CA ALA A 168 -16.78 6.33 -0.69
C ALA A 168 -15.77 7.24 -0.01
N LEU A 169 -16.27 8.17 0.77
CA LEU A 169 -15.43 9.06 1.56
C LEU A 169 -15.49 8.62 3.02
N HIS A 170 -14.35 8.72 3.69
CA HIS A 170 -14.23 8.23 5.06
C HIS A 170 -13.67 9.32 5.96
N THR A 171 -14.09 9.32 7.21
CA THR A 171 -13.55 10.32 8.13
C THR A 171 -13.65 9.79 9.55
N GLY A 172 -12.98 10.52 10.44
CA GLY A 172 -12.85 10.13 11.82
C GLY A 172 -12.19 11.24 12.58
N THR A 173 -11.55 10.91 13.69
CA THR A 173 -10.97 11.87 14.61
C THR A 173 -9.45 11.76 14.61
N ASP A 174 -8.81 12.74 15.23
CA ASP A 174 -7.44 12.51 15.67
C ASP A 174 -7.52 11.72 16.98
N LEU A 175 -6.37 11.49 17.59
CA LEU A 175 -6.39 10.65 18.79
C LEU A 175 -6.72 11.45 20.03
N MET A 176 -7.05 12.72 19.86
CA MET A 176 -7.60 13.55 20.92
C MET A 176 -9.11 13.71 20.79
N GLY A 177 -9.73 13.02 19.83
CA GLY A 177 -11.18 12.98 19.72
C GLY A 177 -11.80 14.07 18.90
N GLU A 178 -11.00 14.94 18.28
CA GLU A 178 -11.52 15.99 17.43
C GLU A 178 -11.69 15.45 16.02
N PHE A 179 -12.89 15.62 15.47
CA PHE A 179 -13.19 15.17 14.11
C PHE A 179 -12.47 16.02 13.08
N TYR A 180 -11.84 15.37 12.11
CA TYR A 180 -11.37 16.08 10.94
C TYR A 180 -12.56 16.67 10.20
N GLY A 181 -12.37 17.85 9.62
CA GLY A 181 -13.40 18.46 8.77
C GLY A 181 -14.66 18.91 9.48
N GLY A 182 -14.69 18.82 10.81
CA GLY A 182 -15.87 19.17 11.59
C GLY A 182 -17.07 18.26 11.46
N TYR A 183 -16.92 17.06 10.89
CA TYR A 183 -18.04 16.12 10.79
C TYR A 183 -18.44 15.64 12.18
N VAL A 184 -19.55 14.88 12.24
CA VAL A 184 -20.04 14.33 13.51
C VAL A 184 -20.39 12.86 13.34
N ASP A 185 -20.30 12.13 14.46
CA ASP A 185 -20.55 10.69 14.44
C ASP A 185 -22.04 10.41 14.60
N GLU A 186 -22.84 11.01 13.71
CA GLU A 186 -24.26 10.76 13.62
C GLU A 186 -24.60 10.34 12.20
N GLU A 187 -25.51 9.38 12.06
CA GLU A 187 -25.98 8.95 10.74
C GLU A 187 -27.03 9.93 10.22
N VAL A 188 -26.55 11.12 9.90
CA VAL A 188 -27.37 12.20 9.36
C VAL A 188 -26.66 12.75 8.13
N ALA A 189 -27.36 13.63 7.41
CA ALA A 189 -26.75 14.29 6.27
C ALA A 189 -25.73 15.32 6.74
N GLN A 190 -24.57 15.33 6.08
CA GLN A 190 -23.49 16.24 6.45
C GLN A 190 -22.88 16.81 5.19
N ARG A 191 -22.73 18.12 5.14
CA ARG A 191 -22.14 18.75 3.96
C ARG A 191 -20.67 18.40 3.85
N VAL A 192 -20.23 18.06 2.64
CA VAL A 192 -18.83 17.76 2.36
C VAL A 192 -18.30 18.81 1.39
N PRO A 193 -17.44 19.72 1.85
CA PRO A 193 -16.91 20.75 0.95
C PRO A 193 -16.13 20.13 -0.18
N PRO A 194 -16.08 20.78 -1.34
CA PRO A 194 -15.38 20.19 -2.49
C PRO A 194 -13.93 19.86 -2.19
N ASP A 195 -13.51 18.70 -2.67
CA ASP A 195 -12.13 18.25 -2.56
C ASP A 195 -11.25 19.07 -3.50
N ASN A 196 -10.20 19.68 -2.96
CA ASN A 196 -9.22 20.41 -3.75
C ASN A 196 -7.98 19.55 -3.97
N LEU A 197 -7.57 19.43 -5.23
CA LEU A 197 -6.39 18.62 -5.53
C LEU A 197 -5.16 19.26 -4.90
N VAL A 198 -4.29 18.42 -4.34
CA VAL A 198 -3.19 18.89 -3.51
C VAL A 198 -2.03 19.25 -4.43
N THR A 199 -1.82 20.55 -4.65
CA THR A 199 -0.81 21.01 -5.59
C THR A 199 0.58 20.48 -5.25
N ASN A 200 0.97 20.55 -3.98
CA ASN A 200 2.34 20.20 -3.61
C ASN A 200 2.63 18.74 -3.93
N ASN A 201 1.63 17.88 -3.74
CA ASN A 201 1.82 16.48 -4.08
C ASN A 201 1.83 16.26 -5.59
N ILE A 202 0.99 17.00 -6.32
CA ILE A 202 1.04 16.91 -7.77
C ILE A 202 2.42 17.34 -8.27
N VAL A 203 2.98 18.39 -7.67
CA VAL A 203 4.33 18.82 -8.04
C VAL A 203 5.34 17.71 -7.78
N ALA A 204 5.18 17.00 -6.65
CA ALA A 204 6.07 15.87 -6.36
C ALA A 204 5.98 14.81 -7.44
N TRP A 205 4.75 14.48 -7.85
CA TRP A 205 4.51 13.46 -8.85
C TRP A 205 5.05 13.87 -10.22
N LEU A 206 4.93 15.16 -10.56
CA LEU A 206 5.48 15.61 -11.83
C LEU A 206 7.00 15.50 -11.82
N TYR A 207 7.63 15.78 -10.68
CA TYR A 207 9.06 15.61 -10.59
C TYR A 207 9.46 14.15 -10.68
N ALA A 208 8.65 13.26 -10.08
CA ALA A 208 8.92 11.83 -10.22
C ALA A 208 8.82 11.41 -11.67
N ALA A 209 7.89 12.00 -12.43
CA ALA A 209 7.78 11.68 -13.84
C ALA A 209 9.01 12.14 -14.60
N ILE A 210 9.53 13.32 -14.26
CA ILE A 210 10.73 13.83 -14.92
C ILE A 210 11.92 12.93 -14.63
N ILE A 211 12.10 12.55 -13.35
CA ILE A 211 13.20 11.65 -12.99
C ILE A 211 13.07 10.33 -13.72
N SER A 212 11.83 9.83 -13.85
CA SER A 212 11.60 8.58 -14.57
C SER A 212 11.99 8.72 -16.04
N VAL A 213 11.62 9.84 -16.67
CA VAL A 213 11.91 10.04 -18.08
C VAL A 213 13.39 10.26 -18.34
N LYS A 214 14.16 10.69 -17.33
CA LYS A 214 15.60 10.77 -17.49
C LYS A 214 16.19 9.41 -17.83
N GLU A 215 16.16 9.07 -19.12
CA GLU A 215 16.66 7.80 -19.65
C GLU A 215 16.37 7.74 -21.14
N LEU A 220 13.87 16.09 -21.50
CA LEU A 220 12.71 16.60 -20.78
C LEU A 220 11.43 16.06 -21.41
N PRO A 221 10.37 15.89 -20.62
CA PRO A 221 9.15 15.30 -21.15
C PRO A 221 8.39 16.24 -22.08
N LYS A 222 7.63 15.65 -23.00
CA LYS A 222 6.88 16.43 -23.97
C LYS A 222 5.68 17.15 -23.36
N TRP A 223 5.17 16.65 -22.23
CA TRP A 223 4.06 17.32 -21.56
C TRP A 223 4.50 18.53 -20.75
N LEU A 224 5.79 18.63 -20.44
CA LEU A 224 6.30 19.71 -19.60
C LEU A 224 6.26 21.03 -20.36
N GLU A 225 5.55 22.01 -19.80
CA GLU A 225 5.45 23.30 -20.46
C GLU A 225 6.81 23.98 -20.49
N SER A 226 6.91 25.01 -21.33
CA SER A 226 8.11 25.83 -21.42
C SER A 226 7.95 27.21 -20.80
N THR A 227 6.72 27.73 -20.73
CA THR A 227 6.49 28.99 -20.07
C THR A 227 6.37 28.78 -18.56
N THR A 228 6.37 29.88 -17.83
CA THR A 228 6.35 29.86 -16.38
C THR A 228 5.15 30.63 -15.86
N VAL A 229 4.83 30.41 -14.58
CA VAL A 229 3.82 31.18 -13.88
C VAL A 229 4.32 31.41 -12.46
N SER A 230 4.16 32.64 -11.96
CA SER A 230 4.58 32.94 -10.60
C SER A 230 3.73 32.18 -9.59
N VAL A 231 4.25 32.06 -8.37
CA VAL A 231 3.53 31.34 -7.33
C VAL A 231 2.24 32.06 -6.97
N ASP A 232 2.30 33.39 -6.91
CA ASP A 232 1.09 34.17 -6.63
C ASP A 232 0.05 33.97 -7.73
N ASP A 233 0.48 34.02 -8.99
CA ASP A 233 -0.48 33.88 -10.08
C ASP A 233 -1.07 32.47 -10.12
N TYR A 234 -0.27 31.44 -9.84
CA TYR A 234 -0.81 30.10 -9.77
C TYR A 234 -1.79 29.97 -8.61
N ASN A 235 -1.44 30.54 -7.46
CA ASN A 235 -2.30 30.43 -6.29
C ASN A 235 -3.61 31.18 -6.47
N LYS A 236 -3.59 32.32 -7.20
CA LYS A 236 -4.86 32.94 -7.58
C LYS A 236 -5.69 31.98 -8.43
N TRP A 237 -5.06 31.38 -9.45
CA TRP A 237 -5.74 30.42 -10.30
C TRP A 237 -6.21 29.20 -9.52
N ALA A 238 -5.38 28.72 -8.59
CA ALA A 238 -5.71 27.52 -7.83
C ALA A 238 -6.99 27.71 -7.01
N GLY A 239 -7.13 28.85 -6.35
CA GLY A 239 -8.33 29.11 -5.57
C GLY A 239 -9.60 29.17 -6.40
N ASP A 240 -9.48 29.29 -7.71
CA ASP A 240 -10.64 29.36 -8.60
C ASP A 240 -10.87 28.08 -9.38
N ASN A 241 -10.02 27.06 -9.23
CA ASN A 241 -10.07 25.90 -10.10
C ASN A 241 -10.02 24.59 -9.35
N GLY A 242 -10.07 24.63 -8.02
CA GLY A 242 -10.14 23.41 -7.24
C GLY A 242 -8.80 22.82 -6.85
N PHE A 243 -7.80 23.65 -6.61
CA PHE A 243 -6.48 23.18 -6.20
C PHE A 243 -6.09 23.89 -4.90
N THR A 244 -5.26 23.22 -4.13
CA THR A 244 -4.67 23.83 -2.94
C THR A 244 -3.57 24.81 -3.36
N PRO A 245 -3.16 25.72 -2.48
CA PRO A 245 -2.06 26.63 -2.86
C PRO A 245 -0.72 25.91 -2.89
N PHE A 246 0.12 26.32 -3.84
CA PHE A 246 1.50 25.85 -3.84
C PHE A 246 2.24 26.50 -2.66
N SER A 247 2.97 25.68 -1.92
CA SER A 247 3.71 26.13 -0.75
C SER A 247 5.11 25.54 -0.80
N THR A 248 6.12 26.40 -0.67
CA THR A 248 7.50 25.96 -0.79
C THR A 248 7.86 24.99 0.33
N SER A 249 8.78 24.07 0.02
CA SER A 249 9.25 23.10 1.01
C SER A 249 10.69 22.72 0.67
N THR A 250 11.37 22.15 1.65
CA THR A 250 12.74 21.69 1.43
C THR A 250 12.76 20.59 0.38
N ALA A 251 11.83 19.64 0.46
CA ALA A 251 11.78 18.55 -0.49
C ALA A 251 11.54 19.05 -1.91
N ILE A 252 10.60 19.99 -2.08
CA ILE A 252 10.35 20.52 -3.42
C ILE A 252 11.58 21.26 -3.95
N THR A 253 12.26 22.02 -3.08
CA THR A 253 13.47 22.71 -3.52
C THR A 253 14.52 21.73 -3.99
N LYS A 254 14.68 20.61 -3.28
CA LYS A 254 15.66 19.59 -3.67
C LYS A 254 15.28 18.95 -5.00
N LEU A 255 13.99 18.65 -5.19
CA LEU A 255 13.53 18.01 -6.41
C LEU A 255 13.75 18.92 -7.62
N SER A 256 13.50 20.22 -7.45
CA SER A 256 13.76 21.16 -8.54
C SER A 256 15.24 21.21 -8.90
N ALA A 257 16.10 21.20 -7.87
CA ALA A 257 17.54 21.28 -8.10
C ALA A 257 18.06 19.99 -8.73
N ILE A 258 17.55 18.85 -8.27
CA ILE A 258 18.01 17.57 -8.77
C ILE A 258 17.61 17.39 -10.22
N THR A 259 16.39 17.80 -10.58
CA THR A 259 15.93 17.60 -11.95
C THR A 259 16.39 18.71 -12.88
N GLY A 260 16.64 19.90 -12.34
CA GLY A 260 16.95 21.05 -13.16
C GLY A 260 15.76 21.70 -13.83
N VAL A 261 14.56 21.53 -13.28
CA VAL A 261 13.36 22.14 -13.82
C VAL A 261 12.75 23.02 -12.74
N ASP A 262 12.65 24.33 -13.01
CA ASP A 262 12.03 25.25 -12.07
C ASP A 262 10.59 24.85 -11.80
N VAL A 263 10.21 24.90 -10.52
CA VAL A 263 8.87 24.44 -10.13
C VAL A 263 7.78 25.28 -10.79
N CYS A 264 8.07 26.55 -11.08
CA CYS A 264 7.08 27.37 -11.79
C CYS A 264 6.78 26.82 -13.16
N LYS A 265 7.66 25.99 -13.71
CA LYS A 265 7.37 25.29 -14.95
C LYS A 265 6.32 24.20 -14.73
N LEU A 266 6.36 23.55 -13.57
CA LEU A 266 5.40 22.51 -13.26
C LEU A 266 4.02 23.11 -12.94
N LEU A 267 4.00 24.28 -12.31
CA LEU A 267 2.73 24.93 -12.04
C LEU A 267 2.01 25.28 -13.34
N ARG A 268 2.74 25.80 -14.33
CA ARG A 268 2.13 26.08 -15.62
C ARG A 268 1.62 24.80 -16.27
N THR A 269 2.36 23.70 -16.12
CA THR A 269 1.90 22.41 -16.62
C THR A 269 0.58 22.02 -15.98
N ILE A 270 0.44 22.23 -14.67
CA ILE A 270 -0.83 21.91 -14.00
C ILE A 270 -1.97 22.72 -14.60
N MET A 271 -1.78 24.02 -14.79
CA MET A 271 -2.87 24.83 -15.34
C MET A 271 -3.24 24.38 -16.74
N VAL A 272 -2.26 24.10 -17.60
CA VAL A 272 -2.57 23.73 -18.97
C VAL A 272 -3.19 22.33 -19.04
N LYS A 273 -2.63 21.38 -18.28
CA LYS A 273 -3.16 20.02 -18.31
C LYS A 273 -4.53 19.91 -17.65
N ASN A 274 -4.80 20.76 -16.66
CA ASN A 274 -6.13 20.71 -16.04
C ASN A 274 -7.19 21.26 -16.98
N SER A 275 -6.81 22.20 -17.85
CA SER A 275 -7.77 22.77 -18.80
C SER A 275 -8.06 21.80 -19.94
N GLN A 276 -7.02 21.24 -20.54
CA GLN A 276 -7.17 20.18 -21.54
C GLN A 276 -5.94 19.30 -21.47
N TRP A 277 -6.12 18.07 -20.98
CA TRP A 277 -4.98 17.19 -20.81
C TRP A 277 -4.37 16.78 -22.15
N GLY A 278 -5.21 16.60 -23.16
CA GLY A 278 -4.71 16.13 -24.44
C GLY A 278 -4.42 14.65 -24.41
N GLY A 279 -3.61 14.22 -25.38
CA GLY A 279 -3.33 12.80 -25.56
C GLY A 279 -2.03 12.32 -24.94
N ASP A 280 -1.21 13.23 -24.43
CA ASP A 280 0.06 12.85 -23.81
C ASP A 280 -0.16 12.44 -22.37
N PRO A 281 0.24 11.24 -21.97
CA PRO A 281 0.10 10.83 -20.57
C PRO A 281 1.31 11.19 -19.73
N ILE A 282 1.06 11.37 -18.44
CA ILE A 282 2.11 11.55 -17.44
C ILE A 282 2.13 10.30 -16.58
N LEU A 283 3.22 9.54 -16.67
CA LEU A 283 3.35 8.26 -15.97
C LEU A 283 2.14 7.36 -16.26
N GLY A 284 1.74 7.35 -17.53
CA GLY A 284 0.65 6.52 -17.99
C GLY A 284 -0.74 7.02 -17.69
N GLN A 285 -0.87 8.17 -17.02
CA GLN A 285 -2.15 8.67 -16.55
C GLN A 285 -2.56 9.93 -17.31
N TYR A 286 -3.88 10.13 -17.39
CA TYR A 286 -4.52 11.32 -17.94
C TYR A 286 -5.28 12.06 -16.84
N ASN A 287 -4.83 11.90 -15.59
CA ASN A 287 -5.39 12.58 -14.43
C ASN A 287 -4.28 12.71 -13.40
N PHE A 288 -4.34 13.77 -12.61
CA PHE A 288 -3.28 14.08 -11.65
C PHE A 288 -3.29 13.08 -10.51
N GLU A 289 -2.08 12.69 -10.09
CA GLU A 289 -1.88 11.93 -8.87
C GLU A 289 -1.47 12.90 -7.77
N ASP A 290 -2.23 12.95 -6.66
CA ASP A 290 -1.92 13.92 -5.61
C ASP A 290 -1.82 13.29 -4.22
N GLU A 291 -1.45 12.01 -4.14
CA GLU A 291 -1.31 11.36 -2.84
C GLU A 291 0.11 10.82 -2.64
N LEU A 292 1.04 11.29 -3.46
CA LEU A 292 2.47 10.99 -3.32
C LEU A 292 3.15 12.30 -2.93
N THR A 293 3.86 12.30 -1.79
CA THR A 293 4.34 13.57 -1.24
C THR A 293 5.73 13.91 -1.75
N PRO A 294 6.13 15.19 -1.68
CA PRO A 294 7.52 15.51 -2.10
C PRO A 294 8.55 14.80 -1.26
N GLU A 295 8.29 14.62 0.04
CA GLU A 295 9.24 13.92 0.90
C GLU A 295 9.41 12.47 0.46
N SER A 296 8.31 11.79 0.14
CA SER A 296 8.42 10.40 -0.28
C SER A 296 9.13 10.28 -1.62
N VAL A 297 8.84 11.19 -2.56
CA VAL A 297 9.53 11.15 -3.84
C VAL A 297 11.03 11.32 -3.64
N PHE A 298 11.43 12.26 -2.76
CA PHE A 298 12.87 12.46 -2.51
C PHE A 298 13.50 11.24 -1.83
N ASN A 299 12.80 10.60 -0.90
CA ASN A 299 13.33 9.43 -0.22
C ASN A 299 13.55 8.25 -1.17
N GLN A 300 12.92 8.29 -2.34
CA GLN A 300 13.04 7.21 -3.31
C GLN A 300 14.03 7.54 -4.42
N ILE A 301 14.89 8.53 -4.19
CA ILE A 301 15.96 8.89 -5.09
C ILE A 301 17.30 8.36 -4.56
N SER B 1 -17.21 0.66 2.01
CA SER B 1 -17.08 1.05 0.62
C SER B 1 -15.66 1.55 0.37
N GLY B 2 -15.33 1.79 -0.89
CA GLY B 2 -13.98 2.22 -1.25
C GLY B 2 -13.08 1.05 -1.60
N PHE B 3 -12.19 1.30 -2.54
CA PHE B 3 -11.28 0.25 -3.01
C PHE B 3 -9.85 0.77 -2.99
N LYS B 4 -8.97 0.00 -2.35
CA LYS B 4 -7.58 0.35 -2.20
C LYS B 4 -6.73 -0.83 -2.63
N LYS B 5 -5.48 -0.57 -2.97
CA LYS B 5 -4.52 -1.65 -3.19
C LYS B 5 -3.89 -1.98 -1.84
N LEU B 6 -4.19 -3.16 -1.33
CA LEU B 6 -3.90 -3.53 0.04
C LEU B 6 -2.51 -4.16 0.17
N VAL B 7 -1.90 -3.92 1.32
CA VAL B 7 -0.67 -4.58 1.75
C VAL B 7 -0.98 -5.52 2.91
N SER B 8 -0.30 -6.68 2.94
CA SER B 8 -0.43 -7.57 4.08
C SER B 8 0.27 -6.98 5.31
N PRO B 9 -0.27 -7.21 6.51
CA PRO B 9 0.46 -6.81 7.72
C PRO B 9 1.80 -7.52 7.79
N SER B 10 2.77 -6.85 8.40
CA SER B 10 4.17 -7.22 8.21
C SER B 10 4.83 -7.83 9.43
N SER B 11 4.14 -7.99 10.56
CA SER B 11 4.83 -8.42 11.78
C SER B 11 5.49 -9.79 11.60
N ALA B 12 4.81 -10.75 10.97
CA ALA B 12 5.39 -12.09 10.81
C ALA B 12 6.66 -12.04 9.97
N VAL B 13 6.68 -11.19 8.96
CA VAL B 13 7.85 -11.11 8.09
C VAL B 13 8.99 -10.33 8.76
N GLU B 14 8.64 -9.27 9.50
CA GLU B 14 9.68 -8.49 10.17
C GLU B 14 10.51 -9.36 11.10
N LYS B 15 9.88 -10.34 11.75
CA LYS B 15 10.57 -11.26 12.65
C LYS B 15 11.47 -12.24 11.92
N CYS B 16 11.47 -12.24 10.59
CA CYS B 16 12.28 -13.18 9.81
C CYS B 16 13.33 -12.51 8.94
N ILE B 17 13.33 -11.19 8.82
CA ILE B 17 14.29 -10.50 7.98
C ILE B 17 15.54 -10.21 8.79
N VAL B 18 16.70 -10.55 8.24
CA VAL B 18 17.99 -10.37 8.90
C VAL B 18 18.94 -9.67 7.93
N SER B 19 20.01 -9.12 8.48
CA SER B 19 21.05 -8.53 7.66
C SER B 19 22.13 -9.56 7.40
N VAL B 20 22.57 -9.65 6.14
CA VAL B 20 23.62 -10.58 5.75
C VAL B 20 24.72 -9.78 5.06
N SER B 21 25.93 -9.84 5.58
CA SER B 21 27.06 -9.12 5.03
C SER B 21 28.18 -10.11 4.69
N TYR B 22 28.85 -9.86 3.57
CA TYR B 22 30.01 -10.65 3.17
C TYR B 22 30.97 -9.73 2.42
N ARG B 23 32.12 -9.44 3.04
CA ARG B 23 33.20 -8.69 2.39
C ARG B 23 32.69 -7.40 1.75
N GLY B 24 31.98 -6.60 2.54
CA GLY B 24 31.49 -5.32 2.08
C GLY B 24 30.21 -5.35 1.30
N ASN B 25 29.67 -6.52 0.99
CA ASN B 25 28.38 -6.65 0.33
C ASN B 25 27.32 -6.78 1.43
N ASN B 26 26.47 -5.76 1.56
CA ASN B 26 25.50 -5.69 2.65
C ASN B 26 24.09 -5.80 2.09
N LEU B 27 23.45 -6.96 2.30
CA LEU B 27 22.10 -7.23 1.79
C LEU B 27 21.20 -7.76 2.89
N ASN B 28 20.04 -8.29 2.52
CA ASN B 28 19.10 -8.83 3.49
C ASN B 28 18.90 -10.33 3.26
N GLY B 29 18.53 -11.02 4.33
CA GLY B 29 18.16 -12.42 4.26
C GLY B 29 16.83 -12.69 4.92
N LEU B 30 16.26 -13.84 4.56
CA LEU B 30 15.03 -14.34 5.13
C LEU B 30 15.36 -15.55 5.99
N TRP B 31 15.16 -15.43 7.30
CA TRP B 31 15.56 -16.44 8.27
C TRP B 31 14.35 -17.25 8.72
N LEU B 32 14.24 -18.50 8.22
CA LEU B 32 13.17 -19.43 8.56
C LEU B 32 13.77 -20.71 9.11
N GLY B 33 13.39 -21.08 10.32
CA GLY B 33 13.99 -22.25 10.95
C GLY B 33 15.46 -21.99 11.21
N ASP B 34 16.31 -22.94 10.85
CA ASP B 34 17.75 -22.75 10.93
C ASP B 34 18.35 -22.42 9.56
N THR B 35 17.58 -21.76 8.70
CA THR B 35 17.96 -21.54 7.32
C THR B 35 17.78 -20.07 6.95
N ILE B 36 18.79 -19.48 6.34
CA ILE B 36 18.72 -18.10 5.84
C ILE B 36 18.81 -18.15 4.32
N TYR B 37 17.85 -17.52 3.67
CA TYR B 37 17.83 -17.36 2.22
C TYR B 37 18.25 -15.94 1.87
N CYS B 38 19.18 -15.80 0.93
CA CYS B 38 19.57 -14.47 0.49
C CYS B 38 20.11 -14.56 -0.93
N PRO B 39 20.28 -13.43 -1.62
CA PRO B 39 20.78 -13.51 -3.00
C PRO B 39 22.23 -13.97 -3.02
N ARG B 40 22.56 -14.84 -3.98
CA ARG B 40 23.92 -15.34 -4.01
C ARG B 40 24.92 -14.24 -4.32
N HIS B 41 24.49 -13.15 -4.96
CA HIS B 41 25.50 -12.13 -5.29
C HIS B 41 25.95 -11.33 -4.08
N VAL B 42 25.54 -11.68 -2.86
CA VAL B 42 26.23 -11.19 -1.68
C VAL B 42 27.69 -11.64 -1.70
N LEU B 43 28.00 -12.71 -2.45
CA LEU B 43 29.35 -13.20 -2.61
C LEU B 43 30.18 -12.41 -3.62
N GLY B 44 29.57 -11.48 -4.34
CA GLY B 44 30.23 -10.74 -5.39
C GLY B 44 29.56 -10.97 -6.73
N LYS B 45 30.11 -10.32 -7.76
CA LYS B 45 29.48 -10.29 -9.08
C LYS B 45 30.17 -11.32 -10.00
N PHE B 46 29.61 -12.52 -10.05
CA PHE B 46 30.15 -13.61 -10.86
C PHE B 46 29.12 -14.06 -11.89
N SER B 47 29.47 -15.09 -12.67
CA SER B 47 28.62 -15.49 -13.78
C SER B 47 28.77 -16.97 -14.06
N GLY B 48 27.66 -17.62 -14.41
CA GLY B 48 27.72 -18.98 -14.95
C GLY B 48 28.23 -20.00 -13.96
N ASP B 49 29.23 -20.77 -14.39
CA ASP B 49 29.83 -21.82 -13.57
C ASP B 49 30.73 -21.28 -12.46
N GLN B 50 31.00 -19.97 -12.45
CA GLN B 50 31.88 -19.39 -11.45
C GLN B 50 31.34 -19.56 -10.03
N TRP B 51 30.00 -19.61 -9.88
CA TRP B 51 29.40 -19.51 -8.57
C TRP B 51 29.80 -20.67 -7.66
N ASN B 52 29.84 -21.89 -8.19
CA ASN B 52 30.13 -23.04 -7.34
C ASN B 52 31.53 -22.94 -6.72
N ASP B 53 32.53 -22.56 -7.52
CA ASP B 53 33.87 -22.41 -6.99
C ASP B 53 33.95 -21.28 -5.96
N VAL B 54 33.22 -20.20 -6.17
CA VAL B 54 33.17 -19.12 -5.21
C VAL B 54 32.53 -19.58 -3.91
N LEU B 55 31.54 -20.47 -4.00
CA LEU B 55 30.92 -21.02 -2.80
C LEU B 55 31.89 -21.87 -2.00
N ASN B 56 32.64 -22.75 -2.69
CA ASN B 56 33.68 -23.51 -2.00
C ASN B 56 34.77 -22.59 -1.47
N LEU B 57 35.01 -21.47 -2.16
CA LEU B 57 36.04 -20.52 -1.75
C LEU B 57 35.63 -19.67 -0.55
N ALA B 58 34.33 -19.52 -0.30
CA ALA B 58 33.89 -18.74 0.84
C ALA B 58 34.01 -19.55 2.13
N ASN B 59 34.11 -18.87 3.25
CA ASN B 59 34.08 -19.55 4.54
C ASN B 59 33.00 -18.94 5.43
N ASN B 60 32.36 -19.82 6.21
CA ASN B 60 31.18 -19.44 6.97
C ASN B 60 31.47 -18.33 7.97
N HIS B 61 32.64 -18.36 8.60
CA HIS B 61 32.94 -17.37 9.63
C HIS B 61 33.02 -15.94 9.11
N GLU B 62 33.11 -15.77 7.79
CA GLU B 62 33.20 -14.44 7.19
C GLU B 62 31.84 -13.88 6.82
N PHE B 63 30.76 -14.66 6.94
CA PHE B 63 29.40 -14.16 6.81
C PHE B 63 29.02 -13.46 8.11
N GLU B 64 28.70 -12.17 8.03
CA GLU B 64 28.24 -11.40 9.20
C GLU B 64 26.73 -11.27 9.12
N VAL B 65 26.03 -12.01 9.98
CA VAL B 65 24.57 -12.05 10.00
C VAL B 65 24.10 -11.52 11.35
N THR B 66 23.21 -10.51 11.31
CA THR B 66 22.68 -9.96 12.55
C THR B 66 21.17 -9.78 12.45
N THR B 67 20.47 -10.01 13.55
CA THR B 67 19.03 -9.85 13.58
C THR B 67 18.64 -8.42 13.94
N GLN B 68 17.35 -8.12 13.74
CA GLN B 68 16.80 -6.83 14.12
C GLN B 68 17.06 -6.49 15.58
N HIS B 69 17.25 -7.52 16.42
CA HIS B 69 17.57 -7.33 17.83
C HIS B 69 19.03 -6.98 18.07
N GLY B 70 19.89 -7.07 17.06
CA GLY B 70 21.32 -6.89 17.23
C GLY B 70 22.08 -8.16 17.55
N VAL B 71 21.44 -9.32 17.47
CA VAL B 71 22.05 -10.59 17.81
C VAL B 71 22.80 -11.13 16.59
N THR B 72 24.00 -11.62 16.82
CA THR B 72 24.85 -12.12 15.74
C THR B 72 24.63 -13.62 15.59
N LEU B 73 24.21 -14.03 14.39
CA LEU B 73 24.04 -15.45 14.09
C LEU B 73 25.31 -16.02 13.49
N ASN B 74 25.47 -17.33 13.63
CA ASN B 74 26.66 -18.03 13.18
C ASN B 74 26.27 -19.01 12.07
N VAL B 75 26.90 -18.86 10.92
CA VAL B 75 26.63 -19.73 9.79
C VAL B 75 27.43 -21.02 9.95
N VAL B 76 26.75 -22.16 9.83
CA VAL B 76 27.40 -23.46 10.01
C VAL B 76 27.52 -24.23 8.70
N SER B 77 26.82 -23.83 7.65
CA SER B 77 26.89 -24.51 6.37
C SER B 77 26.33 -23.57 5.31
N ARG B 78 26.64 -23.88 4.05
CA ARG B 78 26.21 -23.05 2.94
C ARG B 78 26.00 -23.92 1.71
N ARG B 79 25.01 -23.55 0.91
CA ARG B 79 24.78 -24.16 -0.39
C ARG B 79 24.08 -23.16 -1.30
N LEU B 80 24.23 -23.38 -2.60
CA LEU B 80 23.51 -22.64 -3.62
C LEU B 80 22.30 -23.44 -4.06
N LYS B 81 21.17 -22.76 -4.24
CA LYS B 81 20.01 -23.36 -4.89
C LYS B 81 19.53 -22.34 -5.90
N GLY B 82 19.76 -22.61 -7.18
CA GLY B 82 19.58 -21.56 -8.18
C GLY B 82 20.40 -20.33 -7.83
N ALA B 83 19.78 -19.16 -7.92
CA ALA B 83 20.49 -17.94 -7.61
C ALA B 83 20.32 -17.51 -6.16
N VAL B 84 19.85 -18.41 -5.28
CA VAL B 84 19.67 -18.13 -3.87
C VAL B 84 20.75 -18.85 -3.08
N LEU B 85 21.36 -18.13 -2.15
CA LEU B 85 22.33 -18.69 -1.23
C LEU B 85 21.61 -19.09 0.05
N ILE B 86 21.84 -20.33 0.49
CA ILE B 86 21.14 -20.88 1.64
C ILE B 86 22.17 -21.10 2.74
N LEU B 87 22.04 -20.36 3.83
CA LEU B 87 22.98 -20.42 4.95
C LEU B 87 22.31 -21.09 6.14
N GLN B 88 22.97 -22.10 6.70
CA GLN B 88 22.42 -22.74 7.90
C GLN B 88 22.97 -22.04 9.13
N THR B 89 22.09 -21.75 10.08
CA THR B 89 22.49 -21.12 11.34
C THR B 89 22.59 -22.16 12.44
N ALA B 90 23.40 -21.83 13.47
CA ALA B 90 23.56 -22.78 14.56
C ALA B 90 22.27 -22.94 15.35
N VAL B 91 21.54 -21.84 15.57
CA VAL B 91 20.27 -21.86 16.27
C VAL B 91 19.16 -21.51 15.29
N ALA B 92 17.97 -22.04 15.57
CA ALA B 92 16.81 -21.81 14.71
C ALA B 92 16.05 -20.56 15.14
N ASN B 93 15.33 -19.98 14.19
CA ASN B 93 14.49 -18.81 14.46
C ASN B 93 13.23 -19.30 15.17
N ALA B 94 13.12 -18.99 16.46
CA ALA B 94 11.96 -19.42 17.24
C ALA B 94 10.70 -18.66 16.86
N GLU B 95 10.81 -17.60 16.05
CA GLU B 95 9.67 -16.82 15.62
C GLU B 95 9.29 -17.11 14.17
N THR B 96 9.65 -18.29 13.69
CA THR B 96 9.30 -18.68 12.33
C THR B 96 7.80 -18.90 12.20
N PRO B 97 7.12 -18.26 11.26
CA PRO B 97 5.69 -18.49 11.10
C PRO B 97 5.45 -19.73 10.26
N LYS B 98 4.18 -20.10 10.14
CA LYS B 98 3.76 -21.05 9.14
C LYS B 98 3.93 -20.40 7.78
N TYR B 99 4.52 -21.11 6.82
CA TYR B 99 4.81 -20.47 5.55
C TYR B 99 4.77 -21.48 4.41
N LYS B 100 4.72 -20.96 3.19
CA LYS B 100 4.84 -21.70 1.95
C LYS B 100 5.70 -20.91 0.97
N PHE B 101 6.48 -21.62 0.14
CA PHE B 101 7.18 -21.00 -0.98
C PHE B 101 6.38 -21.24 -2.26
N ILE B 102 5.90 -20.17 -2.87
CA ILE B 102 4.97 -20.26 -3.99
C ILE B 102 5.47 -19.37 -5.11
N LYS B 103 5.39 -19.86 -6.35
CA LYS B 103 5.77 -19.09 -7.53
C LYS B 103 4.60 -18.22 -7.97
N ALA B 104 4.80 -16.90 -8.02
CA ALA B 104 3.76 -15.99 -8.50
C ALA B 104 3.62 -16.08 -10.00
N ASN B 105 2.39 -16.14 -10.47
CA ASN B 105 2.07 -16.10 -11.89
C ASN B 105 1.71 -14.67 -12.30
N CYS B 106 1.67 -14.45 -13.61
CA CYS B 106 1.37 -13.12 -14.14
C CYS B 106 0.03 -12.63 -13.59
N GLY B 107 0.05 -11.42 -13.04
CA GLY B 107 -1.15 -10.83 -12.48
C GLY B 107 -1.33 -11.08 -11.00
N ASP B 108 -0.64 -12.09 -10.45
CA ASP B 108 -0.62 -12.31 -9.01
C ASP B 108 -0.02 -11.10 -8.30
N SER B 109 -0.67 -10.67 -7.22
CA SER B 109 -0.22 -9.49 -6.52
C SER B 109 0.11 -9.84 -5.09
N PHE B 110 1.11 -9.16 -4.53
CA PHE B 110 1.61 -9.48 -3.21
C PHE B 110 2.29 -8.24 -2.63
N THR B 111 2.80 -8.38 -1.42
CA THR B 111 3.35 -7.28 -0.66
C THR B 111 4.87 -7.37 -0.67
N ILE B 112 5.53 -6.27 -0.99
CA ILE B 112 6.98 -6.17 -0.85
C ILE B 112 7.30 -5.64 0.54
N ALA B 113 8.11 -6.39 1.29
CA ALA B 113 8.70 -5.89 2.52
C ALA B 113 10.07 -5.33 2.14
N CYS B 114 10.13 -4.01 1.98
CA CYS B 114 11.34 -3.34 1.50
C CYS B 114 12.30 -3.15 2.68
N ALA B 115 13.47 -3.76 2.61
CA ALA B 115 14.36 -3.83 3.75
C ALA B 115 15.73 -3.29 3.37
N TYR B 116 16.39 -2.66 4.34
CA TYR B 116 17.79 -2.27 4.23
C TYR B 116 18.48 -2.56 5.55
N GLY B 117 19.70 -3.08 5.45
CA GLY B 117 20.44 -3.44 6.64
C GLY B 117 19.73 -4.39 7.55
N GLY B 118 18.86 -5.26 7.01
CA GLY B 118 18.18 -6.23 7.82
C GLY B 118 16.95 -5.71 8.51
N THR B 119 16.44 -4.55 8.10
CA THR B 119 15.32 -3.89 8.77
C THR B 119 14.30 -3.49 7.71
N VAL B 120 13.05 -3.89 7.91
CA VAL B 120 12.00 -3.49 6.98
C VAL B 120 11.67 -2.02 7.20
N VAL B 121 11.81 -1.22 6.14
CA VAL B 121 11.59 0.22 6.24
C VAL B 121 10.24 0.65 5.69
N GLY B 122 9.57 -0.20 4.92
CA GLY B 122 8.29 0.15 4.31
C GLY B 122 7.75 -1.02 3.52
N LEU B 123 6.47 -0.94 3.19
CA LEU B 123 5.78 -1.96 2.41
C LEU B 123 5.07 -1.28 1.24
N TYR B 124 4.78 -2.07 0.20
CA TYR B 124 3.91 -1.63 -0.88
C TYR B 124 3.49 -2.85 -1.69
N PRO B 125 2.37 -2.77 -2.39
CA PRO B 125 1.92 -3.90 -3.22
C PRO B 125 2.58 -3.82 -4.59
N VAL B 126 2.73 -5.00 -5.21
CA VAL B 126 3.21 -5.11 -6.57
C VAL B 126 2.40 -6.21 -7.25
N THR B 127 2.47 -6.24 -8.59
CA THR B 127 1.85 -7.29 -9.37
C THR B 127 2.93 -7.93 -10.24
N MET B 128 2.96 -9.27 -10.30
CA MET B 128 3.92 -9.90 -11.19
C MET B 128 3.51 -9.66 -12.64
N ARG B 129 4.39 -9.07 -13.43
CA ARG B 129 4.06 -8.68 -14.79
C ARG B 129 4.28 -9.85 -15.74
N SER B 130 3.75 -9.69 -16.96
CA SER B 130 3.82 -10.77 -17.94
C SER B 130 5.25 -11.10 -18.34
N ASN B 131 6.20 -10.21 -18.11
CA ASN B 131 7.58 -10.41 -18.50
C ASN B 131 8.47 -10.78 -17.31
N GLY B 132 7.88 -11.13 -16.17
CA GLY B 132 8.70 -11.59 -15.06
C GLY B 132 9.39 -10.49 -14.28
N THR B 133 8.88 -9.27 -14.34
CA THR B 133 9.35 -8.16 -13.53
C THR B 133 8.22 -7.71 -12.63
N ILE B 134 8.57 -6.82 -11.70
CA ILE B 134 7.59 -6.09 -10.93
C ILE B 134 7.98 -4.62 -11.00
N ARG B 135 6.98 -3.75 -10.84
CA ARG B 135 7.23 -2.30 -10.82
C ARG B 135 7.28 -1.91 -9.35
N ALA B 136 8.50 -1.84 -8.82
CA ALA B 136 8.71 -1.64 -7.40
C ALA B 136 9.49 -0.35 -7.14
N SER B 137 10.14 -0.28 -5.99
CA SER B 137 10.84 0.93 -5.55
C SER B 137 11.99 0.45 -4.67
N PHE B 138 13.19 0.40 -5.24
CA PHE B 138 14.33 -0.21 -4.57
C PHE B 138 15.60 0.59 -4.85
N LEU B 139 16.44 0.69 -3.82
CA LEU B 139 17.73 1.35 -3.88
C LEU B 139 18.82 0.33 -3.56
N ALA B 140 20.07 0.78 -3.62
CA ALA B 140 21.19 -0.07 -3.24
C ALA B 140 20.99 -0.61 -1.82
N GLY B 141 21.30 -1.90 -1.65
CA GLY B 141 21.16 -2.56 -0.38
C GLY B 141 19.83 -3.24 -0.15
N ALA B 142 18.86 -3.07 -1.06
CA ALA B 142 17.53 -3.62 -0.90
C ALA B 142 17.42 -5.10 -1.24
N CYS B 143 18.46 -5.71 -1.82
CA CYS B 143 18.34 -7.09 -2.24
C CYS B 143 18.18 -8.03 -1.05
N GLY B 144 17.39 -9.08 -1.24
CA GLY B 144 16.94 -9.92 -0.17
C GLY B 144 15.61 -9.51 0.41
N SER B 145 15.14 -8.30 0.10
CA SER B 145 13.76 -7.95 0.35
C SER B 145 12.81 -8.98 -0.27
N VAL B 146 11.68 -9.23 0.39
CA VAL B 146 10.84 -10.36 0.01
C VAL B 146 9.45 -9.86 -0.36
N GLY B 147 8.80 -10.61 -1.22
CA GLY B 147 7.39 -10.41 -1.56
C GLY B 147 6.56 -11.55 -1.00
N PHE B 148 5.43 -11.20 -0.39
CA PHE B 148 4.69 -12.18 0.38
C PHE B 148 3.24 -11.76 0.46
N ASN B 149 2.38 -12.72 0.84
CA ASN B 149 1.08 -12.39 1.40
C ASN B 149 0.78 -13.33 2.55
N ILE B 150 -0.34 -13.11 3.23
CA ILE B 150 -0.78 -13.98 4.32
C ILE B 150 -2.16 -14.51 3.97
N GLU B 151 -2.31 -15.83 3.95
CA GLU B 151 -3.58 -16.48 3.65
C GLU B 151 -3.82 -17.58 4.67
N LYS B 152 -4.96 -17.53 5.37
CA LYS B 152 -5.35 -18.57 6.31
C LYS B 152 -4.25 -18.81 7.34
N GLY B 153 -3.69 -17.73 7.88
CA GLY B 153 -2.63 -17.83 8.86
C GLY B 153 -1.31 -18.38 8.34
N VAL B 154 -1.12 -18.40 7.02
CA VAL B 154 0.10 -18.93 6.39
C VAL B 154 0.74 -17.80 5.58
N VAL B 155 2.05 -17.61 5.76
CA VAL B 155 2.78 -16.62 4.97
C VAL B 155 3.23 -17.29 3.67
N ASN B 156 2.70 -16.83 2.55
CA ASN B 156 3.21 -17.26 1.25
C ASN B 156 4.35 -16.33 0.84
N PHE B 157 5.53 -16.88 0.59
CA PHE B 157 6.64 -16.10 0.05
C PHE B 157 6.72 -16.34 -1.44
N PHE B 158 6.68 -15.26 -2.23
CA PHE B 158 6.70 -15.38 -3.69
C PHE B 158 8.01 -14.95 -4.32
N TYR B 159 8.77 -14.09 -3.65
CA TYR B 159 9.74 -13.30 -4.39
C TYR B 159 10.87 -12.89 -3.47
N MET B 160 12.10 -12.88 -3.99
CA MET B 160 13.18 -12.23 -3.27
C MET B 160 13.92 -11.37 -4.29
N HIS B 161 14.25 -10.14 -3.89
CA HIS B 161 14.68 -9.15 -4.85
C HIS B 161 16.16 -9.27 -5.13
N HIS B 162 16.52 -9.21 -6.43
CA HIS B 162 17.90 -9.34 -6.88
C HIS B 162 18.43 -8.15 -7.67
N LEU B 163 17.65 -7.59 -8.60
CA LEU B 163 18.23 -6.63 -9.53
C LEU B 163 17.19 -5.69 -10.14
N GLU B 164 17.70 -4.63 -10.74
CA GLU B 164 16.89 -3.61 -11.40
C GLU B 164 17.31 -3.48 -12.85
N LEU B 165 16.37 -3.72 -13.75
CA LEU B 165 16.57 -3.61 -15.20
C LEU B 165 16.30 -2.18 -15.64
N PRO B 166 16.65 -1.82 -16.87
CA PRO B 166 16.37 -0.46 -17.35
C PRO B 166 14.88 -0.15 -17.27
N ASN B 167 14.58 1.14 -17.13
CA ASN B 167 13.22 1.68 -17.05
C ASN B 167 12.52 1.30 -15.74
N ALA B 168 13.28 1.24 -14.63
CA ALA B 168 12.75 1.00 -13.29
C ALA B 168 11.99 -0.33 -13.21
N LEU B 169 12.53 -1.37 -13.83
CA LEU B 169 11.95 -2.71 -13.78
C LEU B 169 12.75 -3.56 -12.80
N HIS B 170 12.06 -4.17 -11.86
CA HIS B 170 12.70 -4.97 -10.81
C HIS B 170 12.42 -6.46 -11.00
N THR B 171 13.41 -7.29 -10.69
CA THR B 171 13.13 -8.71 -10.76
C THR B 171 14.01 -9.47 -9.80
N GLY B 172 13.76 -10.76 -9.72
CA GLY B 172 14.44 -11.57 -8.74
C GLY B 172 13.99 -13.01 -8.85
N THR B 173 14.10 -13.76 -7.76
CA THR B 173 13.78 -15.18 -7.77
C THR B 173 12.55 -15.47 -6.92
N ASP B 174 12.01 -16.69 -7.09
CA ASP B 174 11.15 -17.22 -6.04
C ASP B 174 12.05 -17.72 -4.92
N LEU B 175 11.45 -18.28 -3.87
CA LEU B 175 12.28 -18.73 -2.77
C LEU B 175 12.87 -20.11 -3.02
N MET B 176 12.58 -20.72 -4.18
CA MET B 176 13.27 -21.89 -4.67
C MET B 176 14.54 -21.53 -5.43
N GLY B 177 14.79 -20.23 -5.65
CA GLY B 177 16.00 -19.77 -6.31
C GLY B 177 15.92 -19.61 -7.80
N GLU B 178 14.76 -19.87 -8.39
CA GLU B 178 14.55 -19.71 -9.82
C GLU B 178 14.20 -18.26 -10.11
N PHE B 179 14.90 -17.67 -11.08
CA PHE B 179 14.64 -16.29 -11.49
C PHE B 179 13.32 -16.21 -12.25
N TYR B 180 12.51 -15.21 -11.91
CA TYR B 180 11.37 -14.90 -12.75
C TYR B 180 11.86 -14.46 -14.12
N GLY B 181 11.05 -14.76 -15.14
CA GLY B 181 11.32 -14.27 -16.47
C GLY B 181 12.63 -14.69 -17.11
N GLY B 182 13.32 -15.65 -16.52
CA GLY B 182 14.57 -16.10 -17.12
C GLY B 182 15.69 -15.09 -17.09
N TYR B 183 15.61 -14.08 -16.23
CA TYR B 183 16.71 -13.15 -16.04
C TYR B 183 17.83 -13.84 -15.26
N VAL B 184 18.98 -13.18 -15.20
CA VAL B 184 20.15 -13.69 -14.51
C VAL B 184 20.76 -12.57 -13.68
N ASP B 185 21.45 -12.95 -12.61
CA ASP B 185 22.00 -12.01 -11.64
C ASP B 185 23.40 -11.54 -12.06
N GLU B 186 23.46 -10.96 -13.25
CA GLU B 186 24.69 -10.38 -13.79
C GLU B 186 24.39 -8.98 -14.32
N GLU B 187 25.39 -8.12 -14.27
CA GLU B 187 25.20 -6.75 -14.73
C GLU B 187 25.60 -6.63 -16.21
N VAL B 188 24.76 -7.23 -17.04
CA VAL B 188 24.87 -7.14 -18.49
C VAL B 188 23.50 -6.82 -19.06
N ALA B 189 23.48 -6.49 -20.34
CA ALA B 189 22.23 -6.25 -21.04
C ALA B 189 21.43 -7.55 -21.11
N GLN B 190 20.12 -7.44 -20.93
CA GLN B 190 19.25 -8.60 -20.87
C GLN B 190 17.98 -8.35 -21.66
N ARG B 191 17.42 -9.43 -22.21
CA ARG B 191 16.21 -9.35 -23.01
C ARG B 191 14.98 -9.23 -22.13
N VAL B 192 14.21 -8.16 -22.33
CA VAL B 192 13.03 -7.91 -21.50
C VAL B 192 11.78 -7.89 -22.39
N PRO B 193 10.94 -8.93 -22.36
CA PRO B 193 9.76 -8.98 -23.24
C PRO B 193 8.75 -7.90 -22.90
N PRO B 194 7.76 -7.68 -23.78
CA PRO B 194 6.75 -6.65 -23.52
C PRO B 194 6.02 -6.87 -22.21
N ASP B 195 5.58 -5.76 -21.62
CA ASP B 195 4.74 -5.74 -20.43
C ASP B 195 3.29 -5.56 -20.88
N ASN B 196 2.49 -6.64 -20.80
CA ASN B 196 1.10 -6.59 -21.24
C ASN B 196 0.17 -6.25 -20.07
N LEU B 197 -0.83 -5.40 -20.35
CA LEU B 197 -1.81 -5.08 -19.33
C LEU B 197 -2.57 -6.34 -18.91
N VAL B 198 -2.76 -6.50 -17.60
CA VAL B 198 -3.30 -7.73 -17.03
C VAL B 198 -4.82 -7.69 -17.07
N THR B 199 -5.39 -8.42 -18.03
CA THR B 199 -6.83 -8.39 -18.28
C THR B 199 -7.63 -8.78 -17.05
N ASN B 200 -7.23 -9.87 -16.39
CA ASN B 200 -8.02 -10.34 -15.26
C ASN B 200 -8.09 -9.29 -14.15
N ASN B 201 -7.02 -8.53 -13.98
CA ASN B 201 -7.04 -7.47 -12.98
C ASN B 201 -7.84 -6.27 -13.46
N ILE B 202 -7.82 -5.97 -14.76
CA ILE B 202 -8.69 -4.92 -15.28
C ILE B 202 -10.15 -5.30 -15.06
N VAL B 203 -10.50 -6.56 -15.34
CA VAL B 203 -11.87 -7.03 -15.10
C VAL B 203 -12.27 -6.78 -13.65
N ALA B 204 -11.36 -7.10 -12.71
CA ALA B 204 -11.64 -6.86 -11.30
C ALA B 204 -11.89 -5.39 -11.02
N TRP B 205 -11.05 -4.52 -11.59
CA TRP B 205 -11.18 -3.09 -11.38
C TRP B 205 -12.50 -2.58 -11.94
N LEU B 206 -12.91 -3.09 -13.09
CA LEU B 206 -14.20 -2.71 -13.67
C LEU B 206 -15.36 -3.18 -12.79
N TYR B 207 -15.25 -4.35 -12.18
CA TYR B 207 -16.30 -4.76 -11.25
C TYR B 207 -16.34 -3.83 -10.04
N ALA B 208 -15.17 -3.47 -9.51
CA ALA B 208 -15.09 -2.49 -8.43
C ALA B 208 -15.82 -1.19 -8.80
N ALA B 209 -15.64 -0.73 -10.04
CA ALA B 209 -16.31 0.49 -10.48
C ALA B 209 -17.81 0.30 -10.61
N ILE B 210 -18.25 -0.85 -11.14
CA ILE B 210 -19.68 -1.14 -11.21
C ILE B 210 -20.29 -1.10 -9.81
N ILE B 211 -19.61 -1.72 -8.85
CA ILE B 211 -20.08 -1.74 -7.47
C ILE B 211 -20.17 -0.32 -6.92
N SER B 212 -19.18 0.52 -7.24
CA SER B 212 -19.18 1.88 -6.71
C SER B 212 -20.32 2.71 -7.30
N VAL B 213 -20.57 2.56 -8.60
CA VAL B 213 -21.67 3.32 -9.21
C VAL B 213 -23.01 2.80 -8.71
N LYS B 214 -23.12 1.49 -8.49
CA LYS B 214 -24.33 0.93 -7.91
C LYS B 214 -24.60 1.52 -6.53
N GLU B 215 -23.57 1.67 -5.71
CA GLU B 215 -23.70 2.22 -4.37
C GLU B 215 -23.54 3.75 -4.32
N SER B 216 -23.60 4.42 -5.47
CA SER B 216 -23.60 5.88 -5.51
C SER B 216 -24.65 6.47 -6.44
N SER B 217 -25.20 5.69 -7.38
CA SER B 217 -26.19 6.20 -8.31
C SER B 217 -27.26 5.16 -8.65
N PHE B 218 -27.25 4.00 -8.00
CA PHE B 218 -28.26 2.97 -8.16
C PHE B 218 -28.57 2.69 -9.63
N SER B 219 -27.52 2.49 -10.41
CA SER B 219 -27.66 2.23 -11.84
C SER B 219 -26.36 1.63 -12.35
N LEU B 220 -26.41 1.14 -13.61
CA LEU B 220 -25.20 0.66 -14.23
C LEU B 220 -24.35 1.84 -14.70
N PRO B 221 -23.03 1.66 -14.75
CA PRO B 221 -22.14 2.76 -15.17
C PRO B 221 -22.42 3.17 -16.61
N LYS B 222 -22.17 4.45 -16.89
CA LYS B 222 -22.42 5.00 -18.21
C LYS B 222 -21.50 4.39 -19.26
N TRP B 223 -20.30 3.98 -18.86
CA TRP B 223 -19.28 3.51 -19.79
C TRP B 223 -19.38 2.02 -20.10
N LEU B 224 -20.25 1.28 -19.41
CA LEU B 224 -20.31 -0.17 -19.56
C LEU B 224 -21.03 -0.53 -20.85
N GLU B 225 -20.36 -1.32 -21.69
CA GLU B 225 -20.90 -1.69 -22.98
C GLU B 225 -22.11 -2.61 -22.84
N SER B 226 -23.04 -2.49 -23.79
CA SER B 226 -24.25 -3.31 -23.79
C SER B 226 -24.01 -4.67 -24.45
N THR B 227 -23.13 -4.73 -25.43
CA THR B 227 -22.84 -5.98 -26.14
C THR B 227 -21.77 -6.78 -25.40
N THR B 228 -21.71 -8.07 -25.71
CA THR B 228 -20.69 -8.96 -25.19
C THR B 228 -19.74 -9.36 -26.31
N VAL B 229 -18.55 -9.80 -25.92
CA VAL B 229 -17.59 -10.39 -26.84
C VAL B 229 -17.18 -11.74 -26.27
N SER B 230 -16.93 -12.71 -27.17
CA SER B 230 -16.52 -14.03 -26.73
C SER B 230 -15.14 -13.97 -26.09
N VAL B 231 -14.90 -14.90 -25.16
CA VAL B 231 -13.58 -15.00 -24.54
C VAL B 231 -12.52 -15.33 -25.58
N ASP B 232 -12.80 -16.31 -26.46
CA ASP B 232 -11.86 -16.64 -27.53
C ASP B 232 -11.62 -15.43 -28.43
N ASP B 233 -12.68 -14.68 -28.75
CA ASP B 233 -12.52 -13.51 -29.62
C ASP B 233 -11.76 -12.40 -28.92
N TYR B 234 -12.05 -12.18 -27.63
CA TYR B 234 -11.29 -11.18 -26.89
C TYR B 234 -9.82 -11.58 -26.79
N ASN B 235 -9.55 -12.87 -26.56
CA ASN B 235 -8.18 -13.30 -26.36
C ASN B 235 -7.38 -13.22 -27.66
N LYS B 236 -8.04 -13.39 -28.80
CA LYS B 236 -7.39 -13.13 -30.09
C LYS B 236 -7.02 -11.66 -30.21
N TRP B 237 -7.94 -10.77 -29.82
CA TRP B 237 -7.65 -9.34 -29.85
C TRP B 237 -6.56 -8.97 -28.86
N ALA B 238 -6.55 -9.62 -27.69
CA ALA B 238 -5.58 -9.24 -26.65
C ALA B 238 -4.16 -9.52 -27.10
N GLY B 239 -3.95 -10.62 -27.84
CA GLY B 239 -2.62 -10.96 -28.30
C GLY B 239 -2.03 -9.96 -29.27
N ASP B 240 -2.87 -9.21 -29.96
CA ASP B 240 -2.42 -8.23 -30.94
C ASP B 240 -2.53 -6.80 -30.43
N ASN B 241 -2.92 -6.61 -29.17
CA ASN B 241 -3.07 -5.25 -28.66
C ASN B 241 -2.42 -5.04 -27.30
N GLY B 242 -1.55 -5.93 -26.85
CA GLY B 242 -0.80 -5.70 -25.63
C GLY B 242 -1.51 -6.01 -24.34
N PHE B 243 -2.46 -6.94 -24.35
CA PHE B 243 -3.15 -7.37 -23.14
C PHE B 243 -2.88 -8.85 -22.89
N THR B 244 -2.98 -9.26 -21.62
CA THR B 244 -2.92 -10.68 -21.31
C THR B 244 -4.25 -11.34 -21.67
N PRO B 245 -4.28 -12.66 -21.83
CA PRO B 245 -5.56 -13.32 -22.10
C PRO B 245 -6.45 -13.33 -20.87
N PHE B 246 -7.75 -13.23 -21.10
CA PHE B 246 -8.70 -13.44 -20.01
C PHE B 246 -8.79 -14.92 -19.66
N SER B 247 -8.96 -15.19 -18.37
CA SER B 247 -9.13 -16.56 -17.89
C SER B 247 -10.05 -16.54 -16.69
N THR B 248 -11.04 -17.42 -16.68
CA THR B 248 -12.03 -17.42 -15.62
C THR B 248 -11.38 -17.79 -14.28
N SER B 249 -12.03 -17.37 -13.20
CA SER B 249 -11.55 -17.68 -11.86
C SER B 249 -12.72 -17.61 -10.89
N THR B 250 -12.54 -18.24 -9.73
CA THR B 250 -13.61 -18.25 -8.73
C THR B 250 -13.93 -16.84 -8.27
N ALA B 251 -12.91 -16.01 -8.06
CA ALA B 251 -13.17 -14.64 -7.63
C ALA B 251 -13.92 -13.86 -8.71
N ILE B 252 -13.53 -14.04 -9.98
CA ILE B 252 -14.23 -13.34 -11.06
C ILE B 252 -15.67 -13.84 -11.19
N THR B 253 -15.88 -15.14 -10.97
CA THR B 253 -17.24 -15.68 -11.02
C THR B 253 -18.11 -15.06 -9.93
N LYS B 254 -17.58 -14.94 -8.71
CA LYS B 254 -18.33 -14.33 -7.62
C LYS B 254 -18.67 -12.88 -7.92
N LEU B 255 -17.72 -12.14 -8.51
CA LEU B 255 -17.97 -10.74 -8.83
C LEU B 255 -19.03 -10.61 -9.91
N SER B 256 -19.00 -11.51 -10.89
CA SER B 256 -20.03 -11.49 -11.92
C SER B 256 -21.41 -11.76 -11.33
N ALA B 257 -21.48 -12.70 -10.39
CA ALA B 257 -22.78 -13.09 -9.84
C ALA B 257 -23.31 -12.05 -8.84
N ILE B 258 -22.40 -11.42 -8.09
CA ILE B 258 -22.81 -10.39 -7.14
C ILE B 258 -23.37 -9.18 -7.89
N THR B 259 -22.68 -8.74 -8.93
CA THR B 259 -23.09 -7.57 -9.69
C THR B 259 -24.15 -7.90 -10.73
N GLY B 260 -24.30 -9.16 -11.10
CA GLY B 260 -25.22 -9.53 -12.15
C GLY B 260 -24.80 -9.10 -13.55
N VAL B 261 -23.53 -8.81 -13.77
CA VAL B 261 -23.04 -8.31 -15.06
C VAL B 261 -22.15 -9.38 -15.67
N ASP B 262 -22.47 -9.80 -16.89
CA ASP B 262 -21.66 -10.77 -17.62
C ASP B 262 -20.25 -10.24 -17.81
N VAL B 263 -19.25 -11.08 -17.52
CA VAL B 263 -17.86 -10.64 -17.63
C VAL B 263 -17.52 -10.32 -19.09
N CYS B 264 -18.23 -10.92 -20.04
CA CYS B 264 -17.98 -10.62 -21.44
C CYS B 264 -18.42 -9.22 -21.84
N LYS B 265 -19.28 -8.60 -21.04
CA LYS B 265 -19.56 -7.18 -21.24
C LYS B 265 -18.38 -6.32 -20.80
N LEU B 266 -17.66 -6.77 -19.78
CA LEU B 266 -16.45 -6.06 -19.35
C LEU B 266 -15.33 -6.23 -20.37
N LEU B 267 -15.22 -7.40 -21.01
CA LEU B 267 -14.19 -7.60 -22.02
C LEU B 267 -14.44 -6.72 -23.25
N ARG B 268 -15.71 -6.57 -23.64
CA ARG B 268 -16.02 -5.66 -24.74
C ARG B 268 -15.75 -4.22 -24.36
N THR B 269 -15.99 -3.88 -23.08
CA THR B 269 -15.68 -2.54 -22.60
C THR B 269 -14.18 -2.26 -22.69
N ILE B 270 -13.35 -3.26 -22.36
CA ILE B 270 -11.91 -3.09 -22.49
C ILE B 270 -11.55 -2.77 -23.93
N MET B 271 -12.10 -3.53 -24.89
CA MET B 271 -11.76 -3.30 -26.30
C MET B 271 -12.21 -1.91 -26.75
N VAL B 272 -13.41 -1.48 -26.34
CA VAL B 272 -13.94 -0.20 -26.77
C VAL B 272 -13.14 0.94 -26.16
N LYS B 273 -12.90 0.89 -24.86
CA LYS B 273 -12.18 1.95 -24.17
C LYS B 273 -10.70 2.01 -24.58
N ASN B 274 -10.09 0.85 -24.88
CA ASN B 274 -8.68 0.89 -25.27
C ASN B 274 -8.49 1.54 -26.64
N SER B 275 -9.47 1.36 -27.54
CA SER B 275 -9.39 1.99 -28.86
C SER B 275 -9.70 3.48 -28.78
N GLN B 276 -10.71 3.85 -27.99
CA GLN B 276 -11.08 5.25 -27.82
C GLN B 276 -11.75 5.36 -26.46
N TRP B 277 -11.01 5.87 -25.48
CA TRP B 277 -11.57 5.97 -24.12
C TRP B 277 -12.72 6.96 -24.06
N GLY B 278 -12.51 8.17 -24.56
CA GLY B 278 -13.52 9.21 -24.46
C GLY B 278 -13.33 10.05 -23.21
N GLY B 279 -14.43 10.71 -22.80
CA GLY B 279 -14.36 11.66 -21.72
C GLY B 279 -14.89 11.19 -20.38
N ASP B 280 -15.58 10.05 -20.36
CA ASP B 280 -16.10 9.52 -19.11
C ASP B 280 -15.00 8.76 -18.39
N PRO B 281 -14.70 9.09 -17.13
CA PRO B 281 -13.68 8.34 -16.39
C PRO B 281 -14.26 7.07 -15.81
N ILE B 282 -13.35 6.17 -15.43
CA ILE B 282 -13.68 5.00 -14.63
C ILE B 282 -12.90 5.14 -13.34
N LEU B 283 -13.62 5.20 -12.21
CA LEU B 283 -13.02 5.44 -10.90
C LEU B 283 -11.98 6.56 -10.98
N GLY B 284 -12.39 7.66 -11.62
CA GLY B 284 -11.57 8.85 -11.69
C GLY B 284 -10.45 8.84 -12.71
N GLN B 285 -10.25 7.74 -13.44
CA GLN B 285 -9.11 7.58 -14.33
C GLN B 285 -9.55 7.45 -15.79
N TYR B 286 -8.61 7.72 -16.70
CA TYR B 286 -8.81 7.46 -18.12
C TYR B 286 -7.78 6.47 -18.65
N ASN B 287 -7.27 5.60 -17.77
CA ASN B 287 -6.34 4.54 -18.13
C ASN B 287 -6.64 3.33 -17.27
N PHE B 288 -6.34 2.15 -17.80
CA PHE B 288 -6.72 0.92 -17.11
C PHE B 288 -5.84 0.70 -15.89
N GLU B 289 -6.47 0.43 -14.75
CA GLU B 289 -5.74 -0.05 -13.58
C GLU B 289 -5.70 -1.57 -13.65
N ASP B 290 -4.49 -2.15 -13.64
CA ASP B 290 -4.36 -3.60 -13.71
C ASP B 290 -3.56 -4.20 -12.56
N GLU B 291 -3.47 -3.52 -11.40
CA GLU B 291 -2.78 -4.13 -10.27
C GLU B 291 -3.71 -4.37 -9.08
N LEU B 292 -5.03 -4.24 -9.28
CA LEU B 292 -6.05 -4.62 -8.30
C LEU B 292 -6.68 -5.95 -8.74
N THR B 293 -6.55 -6.98 -7.91
CA THR B 293 -6.93 -8.34 -8.30
C THR B 293 -8.39 -8.65 -7.97
N PRO B 294 -8.97 -9.64 -8.66
CA PRO B 294 -10.36 -10.04 -8.33
C PRO B 294 -10.53 -10.46 -6.88
N GLU B 295 -9.55 -11.17 -6.33
CA GLU B 295 -9.62 -11.60 -4.94
C GLU B 295 -9.68 -10.40 -4.00
N SER B 296 -8.87 -9.38 -4.28
CA SER B 296 -8.84 -8.21 -3.42
C SER B 296 -10.15 -7.42 -3.51
N VAL B 297 -10.66 -7.25 -4.72
CA VAL B 297 -11.96 -6.57 -4.87
C VAL B 297 -13.04 -7.33 -4.11
N PHE B 298 -13.06 -8.66 -4.24
CA PHE B 298 -14.07 -9.45 -3.52
C PHE B 298 -13.94 -9.27 -2.01
N ASN B 299 -12.72 -9.31 -1.48
CA ASN B 299 -12.54 -9.14 -0.04
C ASN B 299 -12.95 -7.76 0.42
N GLN B 300 -12.98 -6.77 -0.45
CA GLN B 300 -13.34 -5.42 -0.06
C GLN B 300 -14.82 -5.13 -0.19
N ILE B 301 -15.61 -6.10 -0.71
CA ILE B 301 -17.06 -6.04 -0.59
C ILE B 301 -17.49 -6.59 0.76
N GLY B 302 -16.79 -7.60 1.24
CA GLY B 302 -17.19 -8.35 2.43
C GLY B 302 -17.18 -9.84 2.14
#